data_6XFV
#
_entry.id   6XFV
#
_cell.length_a   97.867
_cell.length_b   97.867
_cell.length_c   130.355
_cell.angle_alpha   90.00
_cell.angle_beta   90.00
_cell.angle_gamma   120.00
#
_symmetry.space_group_name_H-M   'P 61'
#
loop_
_entity.id
_entity.type
_entity.pdbx_description
1 polymer 'Nuclear receptor ROR-gamma'
2 non-polymer 1-(4-{(3S,4S)-4-[4-(1,1,1,3,3,3-hexafluoro-2-hydroxypropan-2-yl)phenyl]-3-methyl-3-phenylpyrrolidine-1-carbonyl}piperidin-1-yl)ethan-1-one
3 water water
#
_entity_poly.entity_id   1
_entity_poly.type   'polypeptide(L)'
_entity_poly.pdbx_seq_one_letter_code
;MGSSHHHHHHSSGLVPRGSHMASLTEIEHLVQSVCKSYRETCQLRLEDLLRQRSNIFSREEVTGYQRKSMWEMWERCAHH
LTEAIQYVVEFAKRLSGFMELCQNDQIVLLKAGAMEVVLVRMCRAYNADNRTVFFEGKYGGMELFRALGCSELISSIFDF
SHSLSALHFSEDEIALYTALVLINAHRPGLQEKRKVEQLQYNLELAFHHHLCKTHRQSILAKLPPKGKLRSLCSQHVERL
QIFQHLHPIVVQAAFPPLYKELFST
;
_entity_poly.pdbx_strand_id   A,B
#
# COMPACT_ATOMS: atom_id res chain seq x y z
N ALA A 22 28.94 -15.59 -11.32
CA ALA A 22 29.21 -15.82 -9.91
C ALA A 22 30.30 -16.89 -9.70
N SER A 23 31.44 -16.47 -9.13
CA SER A 23 32.53 -17.39 -8.86
C SER A 23 32.58 -17.84 -7.38
N LEU A 24 32.88 -16.89 -6.45
CA LEU A 24 32.99 -17.13 -5.00
C LEU A 24 32.89 -15.80 -4.27
N THR A 25 33.60 -14.78 -4.77
CA THR A 25 33.50 -13.42 -4.25
C THR A 25 32.20 -12.76 -4.73
N GLU A 26 31.60 -13.24 -5.82
CA GLU A 26 30.32 -12.78 -6.35
C GLU A 26 29.21 -13.47 -5.50
N ILE A 27 29.43 -14.74 -5.06
CA ILE A 27 28.52 -15.48 -4.17
C ILE A 27 28.49 -14.70 -2.82
N GLU A 28 29.66 -14.43 -2.23
CA GLU A 28 29.84 -13.69 -0.97
C GLU A 28 29.30 -12.25 -1.03
N HIS A 29 29.20 -11.67 -2.22
CA HIS A 29 28.65 -10.33 -2.39
C HIS A 29 27.13 -10.39 -2.29
N LEU A 30 26.52 -11.44 -2.91
CA LEU A 30 25.06 -11.62 -2.90
C LEU A 30 24.54 -11.79 -1.47
N VAL A 31 25.30 -12.53 -0.64
CA VAL A 31 24.97 -12.77 0.76
C VAL A 31 24.83 -11.45 1.53
N GLN A 32 25.88 -10.63 1.51
CA GLN A 32 25.95 -9.38 2.25
C GLN A 32 24.87 -8.41 1.81
N SER A 33 24.54 -8.40 0.49
CA SER A 33 23.53 -7.54 -0.10
C SER A 33 22.17 -7.99 0.39
N VAL A 34 21.86 -9.32 0.35
CA VAL A 34 20.57 -9.82 0.86
C VAL A 34 20.45 -9.53 2.38
N CYS A 35 21.56 -9.68 3.11
CA CYS A 35 21.62 -9.44 4.54
C CYS A 35 21.51 -7.95 4.90
N LYS A 36 21.97 -7.06 4.00
CA LYS A 36 21.84 -5.62 4.24
C LYS A 36 20.41 -5.20 3.92
N SER A 37 19.86 -5.66 2.79
CA SER A 37 18.46 -5.35 2.43
C SER A 37 17.45 -5.80 3.50
N TYR A 38 17.70 -6.96 4.12
CA TYR A 38 16.84 -7.44 5.19
C TYR A 38 16.96 -6.51 6.41
N ARG A 39 18.20 -6.15 6.79
CA ARG A 39 18.49 -5.27 7.91
C ARG A 39 17.74 -3.93 7.79
N GLU A 40 17.73 -3.35 6.59
CA GLU A 40 17.07 -2.08 6.29
C GLU A 40 15.54 -2.20 6.21
N THR A 41 14.97 -3.41 6.17
CA THR A 41 13.51 -3.57 6.05
C THR A 41 12.93 -4.52 7.09
N CYS A 42 13.67 -4.84 8.18
CA CYS A 42 13.19 -5.82 9.15
C CYS A 42 12.06 -5.30 10.06
N GLN A 43 11.67 -4.00 9.90
CA GLN A 43 10.55 -3.37 10.61
C GLN A 43 10.89 -3.02 12.07
N LEU A 44 11.25 -4.02 12.87
CA LEU A 44 11.64 -3.86 14.25
C LEU A 44 13.07 -4.40 14.38
N ARG A 45 13.95 -3.64 15.03
CA ARG A 45 15.32 -4.09 15.24
C ARG A 45 15.32 -5.29 16.23
N LEU A 46 16.16 -6.28 15.97
CA LEU A 46 16.24 -7.46 16.83
C LEU A 46 16.59 -7.09 18.30
N GLU A 47 17.47 -6.10 18.50
CA GLU A 47 17.88 -5.68 19.85
C GLU A 47 16.70 -5.18 20.69
N ASP A 48 15.78 -4.44 20.09
CA ASP A 48 14.60 -3.93 20.78
C ASP A 48 13.54 -5.02 21.01
N LEU A 49 13.53 -6.08 20.19
CA LEU A 49 12.61 -7.19 20.41
C LEU A 49 13.06 -8.00 21.62
N LEU A 50 14.38 -8.26 21.73
CA LEU A 50 15.00 -9.02 22.82
C LEU A 50 14.94 -8.27 24.16
N ARG A 51 15.10 -6.94 24.12
CA ARG A 51 15.07 -6.08 25.30
C ARG A 51 13.63 -6.00 25.87
N GLN A 52 12.63 -6.06 25.00
CA GLN A 52 11.21 -5.96 25.36
C GLN A 52 10.60 -7.27 25.87
N ARG A 53 11.37 -8.38 25.92
CA ARG A 53 10.87 -9.68 26.38
C ARG A 53 10.43 -9.71 27.85
N SER A 54 10.68 -8.65 28.60
CA SER A 54 10.24 -8.55 29.99
C SER A 54 8.97 -7.68 30.13
N ASN A 55 8.66 -6.87 29.11
CA ASN A 55 7.49 -6.02 29.06
C ASN A 55 6.38 -6.91 28.50
N ILE A 56 5.71 -7.65 29.39
CA ILE A 56 4.66 -8.63 29.11
C ILE A 56 3.29 -8.04 29.49
N PHE A 57 2.23 -8.31 28.71
CA PHE A 57 0.89 -7.79 29.01
C PHE A 57 0.38 -8.36 30.32
N SER A 58 -0.11 -7.50 31.21
CA SER A 58 -0.62 -7.96 32.50
C SER A 58 -1.89 -8.79 32.29
N ARG A 59 -2.32 -9.53 33.32
CA ARG A 59 -3.54 -10.33 33.28
C ARG A 59 -4.76 -9.50 32.91
N GLU A 60 -4.78 -8.23 33.35
CA GLU A 60 -5.86 -7.28 33.08
C GLU A 60 -5.82 -6.83 31.63
N GLU A 61 -4.62 -6.53 31.11
CA GLU A 61 -4.42 -6.07 29.73
C GLU A 61 -4.82 -7.18 28.76
N VAL A 62 -4.51 -8.46 29.10
CA VAL A 62 -4.90 -9.61 28.28
C VAL A 62 -6.45 -9.66 28.16
N THR A 63 -7.16 -9.56 29.31
CA THR A 63 -8.65 -9.55 29.37
C THR A 63 -9.24 -8.48 28.45
N GLY A 64 -8.59 -7.33 28.41
CA GLY A 64 -9.04 -6.22 27.58
C GLY A 64 -9.04 -6.58 26.10
N TYR A 65 -8.03 -7.34 25.67
CA TYR A 65 -7.89 -7.82 24.30
C TYR A 65 -8.95 -8.87 23.99
N GLN A 66 -9.16 -9.82 24.94
CA GLN A 66 -10.14 -10.92 24.88
C GLN A 66 -11.58 -10.43 24.82
N ARG A 67 -11.88 -9.31 25.50
CA ARG A 67 -13.23 -8.72 25.52
C ARG A 67 -13.56 -8.00 24.22
N LYS A 68 -12.55 -7.54 23.46
CA LYS A 68 -12.82 -6.83 22.21
C LYS A 68 -13.56 -7.71 21.21
N SER A 69 -14.31 -7.08 20.31
CA SER A 69 -14.98 -7.79 19.25
C SER A 69 -13.95 -8.48 18.33
N MET A 70 -14.39 -9.50 17.62
CA MET A 70 -13.55 -10.17 16.64
C MET A 70 -13.23 -9.19 15.49
N TRP A 71 -14.16 -8.27 15.19
CA TRP A 71 -14.06 -7.28 14.14
C TRP A 71 -13.01 -6.24 14.46
N GLU A 72 -12.93 -5.84 15.73
CA GLU A 72 -11.92 -4.92 16.22
C GLU A 72 -10.54 -5.61 16.17
N MET A 73 -10.44 -6.86 16.64
CA MET A 73 -9.17 -7.60 16.56
C MET A 73 -8.72 -7.88 15.10
N TRP A 74 -9.68 -8.07 14.18
CA TRP A 74 -9.44 -8.27 12.76
C TRP A 74 -8.88 -6.98 12.17
N GLU A 75 -9.45 -5.83 12.51
CA GLU A 75 -8.98 -4.55 12.00
C GLU A 75 -7.57 -4.25 12.51
N ARG A 76 -7.27 -4.61 13.75
CA ARG A 76 -5.92 -4.42 14.30
C ARG A 76 -4.95 -5.34 13.53
N CYS A 77 -5.17 -6.66 13.58
CA CYS A 77 -4.34 -7.69 12.94
C CYS A 77 -4.20 -7.49 11.45
N ALA A 78 -5.29 -7.15 10.71
CA ALA A 78 -5.21 -6.88 9.27
C ALA A 78 -4.30 -5.70 8.97
N HIS A 79 -4.34 -4.67 9.83
CA HIS A 79 -3.52 -3.51 9.61
C HIS A 79 -2.04 -3.77 10.02
N HIS A 80 -1.79 -4.64 10.99
CA HIS A 80 -0.43 -5.05 11.33
C HIS A 80 0.12 -5.99 10.23
N LEU A 81 -0.74 -6.85 9.67
CA LEU A 81 -0.35 -7.75 8.61
C LEU A 81 -0.02 -6.91 7.34
N THR A 82 -0.81 -5.84 7.06
CA THR A 82 -0.56 -4.95 5.93
C THR A 82 0.79 -4.27 6.09
N GLU A 83 1.10 -3.76 7.31
CA GLU A 83 2.39 -3.10 7.56
C GLU A 83 3.55 -4.09 7.41
N ALA A 84 3.43 -5.32 7.92
CA ALA A 84 4.45 -6.37 7.77
C ALA A 84 4.68 -6.72 6.28
N ILE A 85 3.60 -6.86 5.48
CA ILE A 85 3.67 -7.16 4.05
C ILE A 85 4.37 -6.03 3.27
N GLN A 86 4.14 -4.75 3.67
CA GLN A 86 4.80 -3.60 3.04
C GLN A 86 6.33 -3.69 3.16
N TYR A 87 6.84 -4.14 4.32
CA TYR A 87 8.28 -4.29 4.52
C TYR A 87 8.83 -5.46 3.71
N VAL A 88 8.00 -6.51 3.48
CA VAL A 88 8.37 -7.67 2.68
C VAL A 88 8.56 -7.25 1.22
N VAL A 89 7.62 -6.43 0.71
CA VAL A 89 7.72 -5.86 -0.62
C VAL A 89 9.01 -5.01 -0.74
N GLU A 90 9.28 -4.14 0.21
CA GLU A 90 10.52 -3.33 0.20
C GLU A 90 11.83 -4.16 0.28
N PHE A 91 11.82 -5.32 0.98
CA PHE A 91 12.98 -6.20 1.04
C PHE A 91 13.23 -6.73 -0.39
N ALA A 92 12.16 -7.19 -1.08
CA ALA A 92 12.20 -7.68 -2.47
C ALA A 92 12.61 -6.60 -3.48
N LYS A 93 12.06 -5.39 -3.34
CA LYS A 93 12.40 -4.22 -4.16
C LYS A 93 13.86 -3.75 -3.98
N ARG A 94 14.59 -4.35 -3.05
CA ARG A 94 16.00 -4.09 -2.82
C ARG A 94 16.87 -5.26 -3.33
N LEU A 95 16.25 -6.43 -3.61
CA LEU A 95 16.90 -7.63 -4.09
C LEU A 95 17.42 -7.41 -5.48
N SER A 96 18.75 -7.62 -5.65
CA SER A 96 19.45 -7.54 -6.93
C SER A 96 18.91 -8.70 -7.77
N GLY A 97 18.28 -8.38 -8.88
CA GLY A 97 17.70 -9.38 -9.75
C GLY A 97 16.19 -9.26 -9.82
N PHE A 98 15.51 -9.18 -8.65
CA PHE A 98 14.06 -9.06 -8.56
C PHE A 98 13.56 -7.83 -9.29
N MET A 99 14.25 -6.71 -9.13
CA MET A 99 13.84 -5.45 -9.75
C MET A 99 14.01 -5.41 -11.27
N GLU A 100 14.71 -6.38 -11.87
CA GLU A 100 14.83 -6.44 -13.32
C GLU A 100 13.78 -7.36 -13.96
N LEU A 101 13.07 -8.17 -13.17
CA LEU A 101 11.99 -9.04 -13.65
C LEU A 101 10.86 -8.19 -14.22
N CYS A 102 10.00 -8.79 -15.05
CA CYS A 102 8.84 -8.06 -15.58
C CYS A 102 7.84 -7.83 -14.45
N GLN A 103 7.03 -6.77 -14.56
CA GLN A 103 6.03 -6.44 -13.54
C GLN A 103 5.13 -7.62 -13.13
N ASN A 104 4.66 -8.45 -14.09
CA ASN A 104 3.79 -9.61 -13.76
C ASN A 104 4.55 -10.61 -12.87
N ASP A 105 5.87 -10.77 -13.11
CA ASP A 105 6.69 -11.69 -12.34
C ASP A 105 6.94 -11.16 -10.95
N GLN A 106 7.18 -9.84 -10.81
CA GLN A 106 7.34 -9.22 -9.48
C GLN A 106 6.08 -9.46 -8.63
N ILE A 107 4.91 -9.24 -9.24
CA ILE A 107 3.61 -9.47 -8.62
C ILE A 107 3.34 -10.93 -8.27
N VAL A 108 3.57 -11.87 -9.21
CA VAL A 108 3.30 -13.30 -9.00
C VAL A 108 4.14 -13.83 -7.83
N LEU A 109 5.39 -13.38 -7.71
CA LEU A 109 6.28 -13.82 -6.63
C LEU A 109 5.87 -13.32 -5.27
N LEU A 110 5.44 -12.05 -5.21
CA LEU A 110 5.01 -11.45 -3.96
C LEU A 110 3.64 -11.95 -3.53
N LYS A 111 2.76 -12.30 -4.49
CA LYS A 111 1.41 -12.79 -4.18
C LYS A 111 1.45 -14.16 -3.53
N ALA A 112 2.31 -15.04 -4.04
CA ALA A 112 2.46 -16.41 -3.53
C ALA A 112 3.40 -16.49 -2.33
N GLY A 113 4.36 -15.56 -2.22
CA GLY A 113 5.37 -15.62 -1.17
C GLY A 113 5.31 -14.67 0.01
N ALA A 114 4.70 -13.47 -0.11
CA ALA A 114 4.68 -12.48 0.99
C ALA A 114 4.18 -13.01 2.36
N MET A 115 3.00 -13.68 2.40
CA MET A 115 2.43 -14.20 3.63
C MET A 115 3.33 -15.24 4.29
N GLU A 116 4.00 -16.09 3.45
CA GLU A 116 4.93 -17.08 3.99
C GLU A 116 6.15 -16.37 4.62
N VAL A 117 6.65 -15.30 3.98
CA VAL A 117 7.77 -14.50 4.49
C VAL A 117 7.45 -13.85 5.81
N VAL A 118 6.23 -13.36 5.95
CA VAL A 118 5.79 -12.72 7.20
C VAL A 118 5.79 -13.76 8.32
N LEU A 119 5.33 -14.98 8.01
CA LEU A 119 5.30 -16.08 8.96
C LEU A 119 6.69 -16.47 9.41
N VAL A 120 7.66 -16.53 8.47
CA VAL A 120 9.04 -16.84 8.87
C VAL A 120 9.60 -15.70 9.74
N ARG A 121 9.38 -14.45 9.32
CA ARG A 121 9.85 -13.25 10.03
C ARG A 121 9.32 -13.18 11.46
N MET A 122 8.11 -13.68 11.72
CA MET A 122 7.53 -13.63 13.04
C MET A 122 8.37 -14.30 14.11
N CYS A 123 9.20 -15.31 13.75
CA CYS A 123 9.99 -16.02 14.75
C CYS A 123 10.91 -15.10 15.55
N ARG A 124 11.39 -13.96 14.98
CA ARG A 124 12.25 -13.03 15.75
C ARG A 124 11.48 -12.38 16.87
N ALA A 125 10.18 -12.10 16.65
CA ALA A 125 9.30 -11.46 17.63
C ALA A 125 8.68 -12.44 18.62
N TYR A 126 9.04 -13.71 18.54
CA TYR A 126 8.50 -14.75 19.38
C TYR A 126 9.50 -15.17 20.47
N ASN A 127 9.00 -15.33 21.70
CA ASN A 127 9.82 -15.75 22.82
C ASN A 127 9.42 -17.15 23.22
N ALA A 128 10.25 -18.13 22.88
CA ALA A 128 10.05 -19.54 23.19
C ALA A 128 10.14 -19.86 24.67
N ASP A 129 10.81 -19.01 25.48
CA ASP A 129 10.93 -19.26 26.92
C ASP A 129 9.55 -19.24 27.61
N ASN A 130 8.60 -18.43 27.10
CA ASN A 130 7.28 -18.35 27.71
C ASN A 130 6.12 -18.42 26.71
N ARG A 131 6.38 -18.85 25.43
CA ARG A 131 5.40 -18.99 24.35
C ARG A 131 4.55 -17.71 24.09
N THR A 132 5.23 -16.55 24.04
CA THR A 132 4.58 -15.27 23.81
C THR A 132 5.10 -14.59 22.52
N VAL A 133 4.32 -13.63 22.00
CA VAL A 133 4.71 -12.88 20.81
C VAL A 133 4.59 -11.39 21.05
N PHE A 134 5.49 -10.58 20.45
CA PHE A 134 5.39 -9.13 20.58
C PHE A 134 4.22 -8.64 19.75
N PHE A 135 3.23 -8.01 20.40
CA PHE A 135 2.03 -7.47 19.75
C PHE A 135 1.68 -6.13 20.39
N GLU A 136 1.45 -5.14 19.58
CA GLU A 136 1.12 -3.79 19.97
C GLU A 136 1.90 -3.21 21.19
N GLY A 137 3.21 -3.50 21.31
CA GLY A 137 4.01 -2.91 22.38
C GLY A 137 4.44 -3.79 23.53
N LYS A 138 3.82 -4.97 23.69
CA LYS A 138 4.20 -5.90 24.75
C LYS A 138 4.08 -7.35 24.28
N TYR A 139 4.65 -8.31 25.04
CA TYR A 139 4.59 -9.74 24.70
C TYR A 139 3.32 -10.35 25.26
N GLY A 140 2.62 -11.13 24.45
CA GLY A 140 1.40 -11.82 24.85
C GLY A 140 1.28 -13.20 24.25
N GLY A 141 0.72 -14.12 25.02
CA GLY A 141 0.52 -15.50 24.57
C GLY A 141 -0.57 -15.60 23.51
N MET A 142 -0.84 -16.82 23.05
CA MET A 142 -1.90 -17.01 22.04
C MET A 142 -3.30 -16.67 22.57
N GLU A 143 -3.47 -16.65 23.92
CA GLU A 143 -4.69 -16.27 24.62
C GLU A 143 -5.12 -14.84 24.32
N LEU A 144 -4.17 -13.96 23.96
CA LEU A 144 -4.40 -12.56 23.61
C LEU A 144 -5.36 -12.43 22.41
N PHE A 145 -5.35 -13.42 21.49
CA PHE A 145 -6.13 -13.38 20.26
C PHE A 145 -7.39 -14.24 20.30
N ARG A 146 -7.88 -14.57 21.49
CA ARG A 146 -9.03 -15.43 21.70
C ARG A 146 -10.29 -14.91 20.98
N ALA A 147 -10.47 -13.58 20.93
CA ALA A 147 -11.65 -12.97 20.31
C ALA A 147 -11.80 -13.29 18.81
N LEU A 148 -10.69 -13.56 18.10
CA LEU A 148 -10.81 -13.90 16.66
C LEU A 148 -11.50 -15.23 16.40
N GLY A 149 -11.43 -16.15 17.35
CA GLY A 149 -12.01 -17.47 17.18
C GLY A 149 -11.18 -18.35 16.26
N CYS A 150 -9.85 -18.06 16.17
CA CYS A 150 -8.87 -18.75 15.33
C CYS A 150 -7.83 -19.47 16.22
N SER A 151 -8.27 -20.10 17.31
CA SER A 151 -7.34 -20.78 18.22
C SER A 151 -6.48 -21.85 17.58
N GLU A 152 -7.03 -22.65 16.68
CA GLU A 152 -6.28 -23.72 16.01
C GLU A 152 -5.21 -23.16 15.06
N LEU A 153 -5.58 -22.17 14.25
CA LEU A 153 -4.67 -21.52 13.31
C LEU A 153 -3.57 -20.78 14.09
N ILE A 154 -3.95 -20.02 15.12
CA ILE A 154 -3.00 -19.27 15.94
C ILE A 154 -2.07 -20.20 16.70
N SER A 155 -2.54 -21.39 17.14
CA SER A 155 -1.69 -22.38 17.78
C SER A 155 -0.61 -22.89 16.80
N SER A 156 -0.99 -23.19 15.55
CA SER A 156 -0.05 -23.66 14.53
C SER A 156 0.99 -22.59 14.16
N ILE A 157 0.58 -21.30 14.12
CA ILE A 157 1.47 -20.17 13.86
C ILE A 157 2.52 -20.08 14.96
N PHE A 158 2.07 -20.16 16.23
CA PHE A 158 2.97 -20.11 17.37
C PHE A 158 3.89 -21.35 17.38
N ASP A 159 3.35 -22.53 17.02
CA ASP A 159 4.15 -23.76 17.00
C ASP A 159 5.17 -23.77 15.85
N PHE A 160 4.92 -23.03 14.76
CA PHE A 160 5.89 -22.93 13.68
C PHE A 160 7.01 -21.96 14.13
N SER A 161 6.63 -20.81 14.72
CA SER A 161 7.59 -19.86 15.26
C SER A 161 8.43 -20.48 16.37
N HIS A 162 7.84 -21.39 17.17
CA HIS A 162 8.53 -22.11 18.26
C HIS A 162 9.59 -23.07 17.69
N SER A 163 9.28 -23.76 16.57
CA SER A 163 10.22 -24.66 15.90
C SER A 163 11.35 -23.91 15.19
N LEU A 164 11.14 -22.63 14.83
CA LEU A 164 12.21 -21.82 14.22
C LEU A 164 13.04 -21.16 15.31
N SER A 165 12.41 -20.79 16.45
CA SER A 165 13.16 -20.18 17.55
C SER A 165 14.05 -21.19 18.30
N ALA A 166 13.65 -22.48 18.30
CA ALA A 166 14.41 -23.56 18.90
C ALA A 166 15.76 -23.69 18.22
N LEU A 167 15.80 -23.51 16.90
CA LEU A 167 17.02 -23.52 16.07
C LEU A 167 17.90 -22.27 16.23
N HIS A 168 17.45 -21.26 16.97
CA HIS A 168 18.14 -19.98 17.15
C HIS A 168 18.41 -19.30 15.80
N PHE A 169 17.43 -19.31 14.92
CA PHE A 169 17.48 -18.75 13.58
C PHE A 169 18.02 -17.31 13.61
N SER A 170 19.22 -17.09 13.03
CA SER A 170 19.84 -15.76 13.02
C SER A 170 19.21 -14.81 12.01
N GLU A 171 19.61 -13.50 12.04
CA GLU A 171 19.09 -12.47 11.15
C GLU A 171 19.45 -12.75 9.72
N ASP A 172 20.69 -13.19 9.48
CA ASP A 172 21.14 -13.50 8.13
C ASP A 172 20.52 -14.77 7.61
N GLU A 173 20.18 -15.75 8.47
CA GLU A 173 19.51 -16.97 8.00
C GLU A 173 18.13 -16.63 7.54
N ILE A 174 17.40 -15.78 8.31
CA ILE A 174 16.06 -15.31 7.94
C ILE A 174 16.11 -14.59 6.63
N ALA A 175 17.09 -13.70 6.48
CA ALA A 175 17.30 -12.91 5.26
C ALA A 175 17.45 -13.82 4.00
N LEU A 176 18.36 -14.80 4.01
CA LEU A 176 18.60 -15.66 2.88
C LEU A 176 17.50 -16.64 2.66
N TYR A 177 16.94 -17.20 3.74
CA TYR A 177 15.87 -18.19 3.69
C TYR A 177 14.61 -17.56 3.12
N THR A 178 14.16 -16.40 3.65
CA THR A 178 12.99 -15.68 3.08
C THR A 178 13.25 -15.16 1.66
N ALA A 179 14.52 -14.87 1.26
CA ALA A 179 14.77 -14.51 -0.14
C ALA A 179 14.48 -15.74 -1.02
N LEU A 180 14.76 -17.00 -0.53
CA LEU A 180 14.43 -18.21 -1.28
C LEU A 180 12.92 -18.55 -1.27
N VAL A 181 12.19 -18.16 -0.22
CA VAL A 181 10.74 -18.30 -0.16
C VAL A 181 10.13 -17.44 -1.32
N LEU A 182 10.62 -16.20 -1.49
CA LEU A 182 10.13 -15.28 -2.54
C LEU A 182 10.61 -15.61 -3.95
N ILE A 183 11.90 -15.95 -4.12
CA ILE A 183 12.44 -16.21 -5.44
C ILE A 183 12.33 -17.68 -5.75
N ASN A 184 11.18 -18.09 -6.28
CA ASN A 184 10.86 -19.49 -6.55
C ASN A 184 10.26 -19.61 -7.95
N ALA A 185 10.92 -20.37 -8.83
CA ALA A 185 10.50 -20.57 -10.23
C ALA A 185 9.31 -21.51 -10.42
N HIS A 186 8.88 -22.20 -9.36
CA HIS A 186 7.73 -23.10 -9.42
C HIS A 186 6.38 -22.38 -9.29
N ARG A 187 6.39 -21.04 -9.14
CA ARG A 187 5.13 -20.29 -9.02
C ARG A 187 4.37 -20.33 -10.35
N PRO A 188 3.13 -20.84 -10.34
CA PRO A 188 2.36 -20.92 -11.59
C PRO A 188 1.78 -19.56 -12.00
N GLY A 189 2.36 -18.99 -13.06
CA GLY A 189 1.96 -17.70 -13.61
C GLY A 189 3.13 -16.87 -14.14
N LEU A 190 4.36 -17.38 -13.97
CA LEU A 190 5.57 -16.70 -14.41
C LEU A 190 5.70 -16.61 -15.94
N GLN A 191 6.02 -15.42 -16.41
CA GLN A 191 6.20 -15.12 -17.83
C GLN A 191 7.62 -15.42 -18.30
N GLU A 192 8.59 -15.30 -17.37
CA GLU A 192 10.01 -15.51 -17.64
C GLU A 192 10.54 -16.47 -16.57
N LYS A 193 9.97 -17.68 -16.51
CA LYS A 193 10.34 -18.69 -15.51
C LYS A 193 11.83 -19.09 -15.51
N ARG A 194 12.55 -18.86 -16.61
CA ARG A 194 13.97 -19.20 -16.69
C ARG A 194 14.82 -18.20 -15.92
N LYS A 195 14.41 -16.89 -15.93
CA LYS A 195 15.12 -15.82 -15.22
C LYS A 195 15.01 -16.00 -13.72
N VAL A 196 13.83 -16.39 -13.21
CA VAL A 196 13.58 -16.59 -11.76
C VAL A 196 14.41 -17.78 -11.27
N GLU A 197 14.41 -18.87 -12.05
CA GLU A 197 15.16 -20.08 -11.80
C GLU A 197 16.63 -19.78 -11.63
N GLN A 198 17.17 -18.86 -12.44
CA GLN A 198 18.56 -18.45 -12.38
C GLN A 198 18.86 -17.61 -11.13
N LEU A 199 17.95 -16.68 -10.79
CA LEU A 199 18.09 -15.89 -9.57
C LEU A 199 18.01 -16.83 -8.34
N GLN A 200 17.08 -17.80 -8.38
CA GLN A 200 16.82 -18.76 -7.32
C GLN A 200 18.04 -19.62 -7.07
N TYR A 201 18.70 -20.04 -8.17
CA TYR A 201 19.90 -20.87 -8.23
C TYR A 201 21.00 -20.07 -7.54
N ASN A 202 21.18 -18.77 -7.92
CA ASN A 202 22.22 -17.95 -7.29
C ASN A 202 22.02 -17.72 -5.81
N LEU A 203 20.75 -17.58 -5.38
CA LEU A 203 20.44 -17.42 -3.96
C LEU A 203 20.70 -18.69 -3.16
N GLU A 204 20.48 -19.84 -3.78
CA GLU A 204 20.72 -21.13 -3.13
C GLU A 204 22.20 -21.32 -2.88
N LEU A 205 23.07 -20.98 -3.87
CA LEU A 205 24.52 -21.07 -3.69
C LEU A 205 24.93 -20.17 -2.51
N ALA A 206 24.37 -18.95 -2.49
CA ALA A 206 24.65 -17.97 -1.43
C ALA A 206 24.22 -18.49 -0.05
N PHE A 207 23.02 -19.07 0.06
CA PHE A 207 22.53 -19.62 1.33
C PHE A 207 23.40 -20.82 1.82
N HIS A 208 23.66 -21.79 0.96
CA HIS A 208 24.45 -22.98 1.27
C HIS A 208 25.91 -22.63 1.61
N HIS A 209 26.47 -21.63 0.92
CA HIS A 209 27.82 -21.12 1.17
C HIS A 209 27.87 -20.38 2.52
N HIS A 210 26.88 -19.52 2.84
CA HIS A 210 26.89 -18.80 4.11
C HIS A 210 26.67 -19.72 5.32
N LEU A 211 25.97 -20.86 5.13
CA LEU A 211 25.80 -21.82 6.22
C LEU A 211 27.17 -22.47 6.53
N CYS A 212 27.97 -22.73 5.48
CA CYS A 212 29.30 -23.30 5.63
C CYS A 212 30.23 -22.32 6.31
N LYS A 213 30.26 -21.06 5.87
CA LYS A 213 31.09 -20.02 6.49
C LYS A 213 30.80 -19.80 7.98
N THR A 214 29.56 -20.11 8.41
CA THR A 214 29.15 -19.89 9.81
C THR A 214 28.97 -21.19 10.62
N HIS A 215 29.36 -22.33 10.03
CA HIS A 215 29.29 -23.64 10.67
C HIS A 215 27.90 -24.04 11.11
N ARG A 216 26.90 -23.63 10.32
CA ARG A 216 25.50 -23.83 10.56
C ARG A 216 24.84 -24.82 9.62
N GLN A 217 25.62 -25.66 8.89
CA GLN A 217 25.11 -26.69 7.95
C GLN A 217 23.98 -27.54 8.55
N SER A 218 24.01 -27.74 9.89
CA SER A 218 23.05 -28.50 10.68
C SER A 218 21.58 -28.09 10.51
N ILE A 219 21.31 -26.79 10.38
CA ILE A 219 19.93 -26.30 10.31
C ILE A 219 19.15 -26.73 9.06
N LEU A 220 19.79 -27.18 7.98
CA LEU A 220 19.07 -27.53 6.75
C LEU A 220 18.04 -28.65 6.96
N ALA A 221 18.49 -29.77 7.50
CA ALA A 221 17.61 -30.88 7.81
C ALA A 221 16.67 -30.62 8.99
N LYS A 222 16.97 -29.61 9.81
CA LYS A 222 16.16 -29.23 10.97
C LYS A 222 15.08 -28.17 10.66
N LEU A 223 15.17 -27.50 9.50
CA LEU A 223 14.20 -26.52 9.03
C LEU A 223 12.84 -27.22 8.73
N PRO A 224 11.72 -26.47 8.77
CA PRO A 224 10.42 -27.07 8.44
C PRO A 224 10.30 -27.43 6.95
N PRO A 225 9.63 -28.52 6.57
CA PRO A 225 9.48 -28.84 5.13
C PRO A 225 8.70 -27.74 4.36
N LYS A 226 9.07 -27.37 3.13
CA LYS A 226 8.38 -26.29 2.39
C LYS A 226 6.85 -26.45 2.35
N GLY A 227 6.40 -27.71 2.30
CA GLY A 227 4.98 -28.02 2.26
C GLY A 227 4.27 -27.55 3.51
N LYS A 228 4.95 -27.61 4.66
CA LYS A 228 4.37 -27.19 5.95
C LYS A 228 4.17 -25.67 6.00
N LEU A 229 5.09 -24.90 5.39
CA LEU A 229 5.10 -23.45 5.33
C LEU A 229 3.96 -22.96 4.44
N ARG A 230 3.75 -23.62 3.30
CA ARG A 230 2.68 -23.26 2.37
C ARG A 230 1.31 -23.77 2.86
N SER A 231 1.28 -24.86 3.62
CA SER A 231 0.02 -25.39 4.16
C SER A 231 -0.48 -24.49 5.32
N LEU A 232 0.45 -23.95 6.12
CA LEU A 232 0.15 -23.04 7.21
C LEU A 232 -0.34 -21.71 6.61
N CYS A 233 0.38 -21.22 5.57
CA CYS A 233 0.05 -20.01 4.85
C CYS A 233 -1.32 -20.14 4.17
N SER A 234 -1.60 -21.28 3.54
CA SER A 234 -2.89 -21.49 2.88
C SER A 234 -4.05 -21.39 3.86
N GLN A 235 -3.90 -22.00 5.05
CA GLN A 235 -4.93 -21.92 6.08
C GLN A 235 -5.15 -20.48 6.52
N HIS A 236 -4.08 -19.73 6.73
CA HIS A 236 -4.12 -18.32 7.13
C HIS A 236 -4.83 -17.46 6.05
N VAL A 237 -4.55 -17.70 4.76
CA VAL A 237 -5.18 -17.00 3.64
C VAL A 237 -6.70 -17.23 3.61
N GLU A 238 -7.14 -18.47 3.91
CA GLU A 238 -8.56 -18.82 3.99
C GLU A 238 -9.24 -17.99 5.14
N ARG A 239 -8.58 -17.94 6.33
CA ARG A 239 -9.08 -17.16 7.48
C ARG A 239 -9.29 -15.66 7.16
N LEU A 240 -8.51 -15.12 6.23
CA LEU A 240 -8.62 -13.73 5.81
C LEU A 240 -10.00 -13.34 5.19
N GLN A 241 -10.96 -14.31 5.03
CA GLN A 241 -12.32 -14.11 4.49
C GLN A 241 -13.41 -14.38 5.56
N ILE A 242 -13.21 -15.43 6.35
CA ILE A 242 -14.15 -15.80 7.39
C ILE A 242 -13.54 -15.46 8.74
N ALA B 22 -31.15 -1.46 -20.25
CA ALA B 22 -31.13 -0.78 -18.96
C ALA B 22 -32.25 0.29 -18.86
N SER B 23 -32.53 0.77 -17.65
CA SER B 23 -33.51 1.82 -17.44
C SER B 23 -32.80 2.97 -16.74
N LEU B 24 -33.40 4.15 -16.77
CA LEU B 24 -32.88 5.30 -16.06
C LEU B 24 -32.90 5.11 -14.52
N THR B 25 -33.71 4.16 -14.00
CA THR B 25 -33.72 3.86 -12.56
C THR B 25 -32.36 3.25 -12.17
N GLU B 26 -31.80 2.39 -13.03
CA GLU B 26 -30.50 1.76 -12.83
C GLU B 26 -29.35 2.77 -13.01
N ILE B 27 -29.58 3.83 -13.82
CA ILE B 27 -28.62 4.91 -14.01
C ILE B 27 -28.61 5.76 -12.72
N GLU B 28 -29.80 6.09 -12.18
CA GLU B 28 -29.89 6.83 -10.92
C GLU B 28 -29.28 6.03 -9.77
N HIS B 29 -29.43 4.69 -9.80
CA HIS B 29 -28.83 3.81 -8.81
C HIS B 29 -27.28 3.92 -8.92
N LEU B 30 -26.73 4.02 -10.15
CA LEU B 30 -25.31 4.18 -10.41
C LEU B 30 -24.78 5.49 -9.81
N VAL B 31 -25.51 6.60 -10.02
CA VAL B 31 -25.14 7.91 -9.50
C VAL B 31 -24.94 7.86 -7.98
N GLN B 32 -25.98 7.42 -7.26
CA GLN B 32 -25.99 7.38 -5.80
C GLN B 32 -24.90 6.46 -5.25
N SER B 33 -24.62 5.36 -5.94
CA SER B 33 -23.61 4.39 -5.57
C SER B 33 -22.22 5.01 -5.73
N VAL B 34 -21.94 5.68 -6.89
CA VAL B 34 -20.67 6.37 -7.10
C VAL B 34 -20.50 7.50 -6.05
N CYS B 35 -21.58 8.21 -5.75
CA CYS B 35 -21.60 9.30 -4.78
C CYS B 35 -21.47 8.81 -3.33
N LYS B 36 -21.91 7.58 -3.04
CA LYS B 36 -21.74 7.04 -1.69
C LYS B 36 -20.29 6.53 -1.55
N SER B 37 -19.78 5.82 -2.57
CA SER B 37 -18.39 5.35 -2.54
C SER B 37 -17.38 6.49 -2.40
N TYR B 38 -17.63 7.62 -3.04
CA TYR B 38 -16.75 8.77 -2.92
C TYR B 38 -16.81 9.32 -1.48
N ARG B 39 -18.03 9.48 -0.93
CA ARG B 39 -18.27 9.97 0.43
C ARG B 39 -17.47 9.15 1.46
N GLU B 40 -17.49 7.82 1.34
CA GLU B 40 -16.81 6.89 2.23
C GLU B 40 -15.30 6.87 2.04
N THR B 41 -14.76 7.43 0.95
CA THR B 41 -13.32 7.39 0.70
C THR B 41 -12.70 8.77 0.45
N CYS B 42 -13.41 9.87 0.76
CA CYS B 42 -12.93 11.21 0.43
C CYS B 42 -11.74 11.67 1.29
N GLN B 43 -11.32 10.84 2.29
CA GLN B 43 -10.16 11.08 3.17
C GLN B 43 -10.45 12.12 4.25
N LEU B 44 -10.82 13.33 3.83
CA LEU B 44 -11.15 14.43 4.73
C LEU B 44 -12.58 14.86 4.41
N ARG B 45 -13.42 15.03 5.44
CA ARG B 45 -14.81 15.43 5.22
C ARG B 45 -14.83 16.87 4.75
N LEU B 46 -15.67 17.21 3.75
CA LEU B 46 -15.76 18.58 3.25
C LEU B 46 -16.05 19.62 4.37
N GLU B 47 -16.81 19.18 5.37
CA GLU B 47 -17.22 19.91 6.56
C GLU B 47 -15.98 20.27 7.41
N ASP B 48 -14.99 19.37 7.48
CA ASP B 48 -13.75 19.64 8.21
C ASP B 48 -12.83 20.61 7.42
N LEU B 49 -12.89 20.57 6.10
CA LEU B 49 -12.03 21.40 5.26
C LEU B 49 -12.44 22.87 5.24
N LEU B 50 -13.76 23.14 5.14
CA LEU B 50 -14.31 24.49 5.08
C LEU B 50 -14.10 25.31 6.36
N ARG B 51 -14.43 24.74 7.53
CA ARG B 51 -14.25 25.43 8.80
C ARG B 51 -12.77 25.63 9.13
N GLN B 52 -11.88 24.69 8.69
CA GLN B 52 -10.46 24.86 8.91
C GLN B 52 -9.84 26.00 8.05
N ARG B 53 -10.61 26.64 7.16
CA ARG B 53 -10.12 27.73 6.30
C ARG B 53 -9.64 28.98 7.04
N SER B 54 -9.84 29.03 8.36
CA SER B 54 -9.36 30.15 9.18
C SER B 54 -8.08 29.77 9.94
N ASN B 55 -7.80 28.45 10.08
CA ASN B 55 -6.61 27.94 10.73
C ASN B 55 -5.53 27.91 9.64
N ILE B 56 -4.84 29.06 9.48
CA ILE B 56 -3.81 29.32 8.47
C ILE B 56 -2.41 29.31 9.13
N PHE B 57 -1.38 28.77 8.44
CA PHE B 57 -0.02 28.71 9.01
C PHE B 57 0.52 30.13 9.21
N SER B 58 1.08 30.40 10.40
CA SER B 58 1.64 31.73 10.67
C SER B 58 2.88 31.95 9.82
N ARG B 59 3.35 33.20 9.71
CA ARG B 59 4.55 33.55 8.96
C ARG B 59 5.77 32.77 9.42
N GLU B 60 5.85 32.48 10.72
CA GLU B 60 6.93 31.74 11.34
C GLU B 60 6.82 30.25 10.98
N GLU B 61 5.59 29.67 11.02
CA GLU B 61 5.36 28.27 10.67
C GLU B 61 5.70 28.03 9.20
N VAL B 62 5.37 29.00 8.31
CA VAL B 62 5.71 28.91 6.89
C VAL B 62 7.25 28.80 6.73
N THR B 63 8.01 29.70 7.40
CA THR B 63 9.50 29.71 7.36
C THR B 63 10.07 28.37 7.76
N GLY B 64 9.44 27.72 8.74
CA GLY B 64 9.87 26.41 9.21
C GLY B 64 9.83 25.37 8.12
N TYR B 65 8.80 25.44 7.27
CA TYR B 65 8.59 24.53 6.14
C TYR B 65 9.63 24.81 5.05
N GLN B 66 9.85 26.10 4.75
CA GLN B 66 10.80 26.64 3.76
C GLN B 66 12.25 26.29 4.09
N ARG B 67 12.60 26.28 5.40
CA ARG B 67 13.95 25.96 5.84
C ARG B 67 14.26 24.47 5.75
N LYS B 68 13.24 23.59 5.77
CA LYS B 68 13.50 22.14 5.69
C LYS B 68 14.20 21.79 4.37
N SER B 69 14.93 20.68 4.39
CA SER B 69 15.55 20.15 3.18
C SER B 69 14.46 19.76 2.16
N MET B 70 14.85 19.70 0.89
CA MET B 70 13.95 19.25 -0.16
C MET B 70 13.61 17.76 0.07
N TRP B 71 14.57 16.98 0.65
CA TRP B 71 14.40 15.57 0.92
C TRP B 71 13.39 15.32 2.03
N GLU B 72 13.39 16.16 3.03
CA GLU B 72 12.41 16.10 4.11
C GLU B 72 11.01 16.47 3.54
N MET B 73 10.91 17.54 2.74
CA MET B 73 9.63 17.91 2.13
C MET B 73 9.12 16.85 1.13
N TRP B 74 10.04 16.15 0.44
CA TRP B 74 9.73 15.08 -0.50
C TRP B 74 9.17 13.90 0.28
N GLU B 75 9.76 13.55 1.41
CA GLU B 75 9.28 12.43 2.22
C GLU B 75 7.89 12.72 2.78
N ARG B 76 7.65 13.98 3.20
CA ARG B 76 6.32 14.35 3.69
C ARG B 76 5.30 14.24 2.54
N CYS B 77 5.51 15.00 1.46
CA CYS B 77 4.63 15.04 0.28
C CYS B 77 4.44 13.68 -0.37
N ALA B 78 5.50 12.88 -0.53
CA ALA B 78 5.39 11.52 -1.09
C ALA B 78 4.51 10.62 -0.22
N HIS B 79 4.63 10.72 1.11
CA HIS B 79 3.80 9.94 2.06
C HIS B 79 2.32 10.42 1.96
N HIS B 80 2.10 11.75 1.89
CA HIS B 80 0.74 12.27 1.75
C HIS B 80 0.14 11.88 0.39
N LEU B 81 0.98 11.84 -0.66
CA LEU B 81 0.52 11.44 -1.98
C LEU B 81 0.18 9.93 -1.97
N THR B 82 0.98 9.11 -1.24
CA THR B 82 0.71 7.69 -1.11
C THR B 82 -0.62 7.48 -0.38
N GLU B 83 -0.87 8.21 0.70
CA GLU B 83 -2.13 8.10 1.45
C GLU B 83 -3.32 8.54 0.59
N ALA B 84 -3.20 9.65 -0.18
CA ALA B 84 -4.24 10.10 -1.09
C ALA B 84 -4.55 9.05 -2.17
N ILE B 85 -3.52 8.44 -2.79
CA ILE B 85 -3.67 7.40 -3.79
C ILE B 85 -4.36 6.16 -3.22
N GLN B 86 -4.08 5.79 -1.96
CA GLN B 86 -4.72 4.65 -1.31
C GLN B 86 -6.25 4.83 -1.25
N TYR B 87 -6.72 6.06 -0.97
CA TYR B 87 -8.17 6.35 -0.93
C TYR B 87 -8.77 6.30 -2.33
N VAL B 88 -8.00 6.67 -3.36
CA VAL B 88 -8.43 6.61 -4.76
C VAL B 88 -8.64 5.14 -5.16
N VAL B 89 -7.71 4.27 -4.77
CA VAL B 89 -7.84 2.83 -5.02
C VAL B 89 -9.11 2.29 -4.31
N GLU B 90 -9.32 2.65 -3.04
CA GLU B 90 -10.54 2.22 -2.31
C GLU B 90 -11.87 2.76 -2.93
N PHE B 91 -11.85 3.98 -3.52
CA PHE B 91 -13.03 4.52 -4.21
C PHE B 91 -13.34 3.60 -5.41
N ALA B 92 -12.31 3.22 -6.18
CA ALA B 92 -12.41 2.32 -7.35
C ALA B 92 -12.85 0.89 -6.96
N LYS B 93 -12.27 0.36 -5.88
CA LYS B 93 -12.61 -0.95 -5.33
C LYS B 93 -14.05 -1.03 -4.79
N ARG B 94 -14.76 0.10 -4.76
CA ARG B 94 -16.15 0.18 -4.36
C ARG B 94 -17.06 0.39 -5.61
N LEU B 95 -16.47 0.77 -6.78
CA LEU B 95 -17.18 1.03 -8.02
C LEU B 95 -17.74 -0.24 -8.58
N SER B 96 -19.07 -0.24 -8.81
CA SER B 96 -19.81 -1.35 -9.41
C SER B 96 -19.32 -1.42 -10.87
N GLY B 97 -18.74 -2.55 -11.21
CA GLY B 97 -18.19 -2.75 -12.55
C GLY B 97 -16.69 -2.93 -12.52
N PHE B 98 -15.98 -2.00 -11.85
CA PHE B 98 -14.52 -2.02 -11.74
C PHE B 98 -14.03 -3.31 -11.11
N MET B 99 -14.72 -3.76 -10.05
CA MET B 99 -14.32 -4.96 -9.33
C MET B 99 -14.53 -6.26 -10.09
N GLU B 100 -15.28 -6.23 -11.23
CA GLU B 100 -15.44 -7.42 -12.06
C GLU B 100 -14.40 -7.51 -13.19
N LEU B 101 -13.67 -6.42 -13.47
CA LEU B 101 -12.62 -6.40 -14.48
C LEU B 101 -11.49 -7.37 -14.08
N CYS B 102 -10.65 -7.76 -15.05
CA CYS B 102 -9.52 -8.62 -14.74
C CYS B 102 -8.48 -7.80 -13.98
N GLN B 103 -7.64 -8.47 -13.16
CA GLN B 103 -6.61 -7.80 -12.37
C GLN B 103 -5.72 -6.83 -13.18
N ASN B 104 -5.27 -7.22 -14.40
CA ASN B 104 -4.42 -6.34 -15.21
C ASN B 104 -5.16 -5.04 -15.58
N ASP B 105 -6.49 -5.13 -15.81
CA ASP B 105 -7.30 -3.98 -16.15
C ASP B 105 -7.51 -3.08 -14.95
N GLN B 106 -7.73 -3.65 -13.77
CA GLN B 106 -7.85 -2.87 -12.54
C GLN B 106 -6.54 -2.04 -12.31
N ILE B 107 -5.40 -2.70 -12.49
CA ILE B 107 -4.08 -2.08 -12.38
C ILE B 107 -3.83 -1.00 -13.45
N VAL B 108 -4.10 -1.30 -14.74
CA VAL B 108 -3.84 -0.36 -15.84
C VAL B 108 -4.65 0.93 -15.66
N LEU B 109 -5.89 0.82 -15.15
CA LEU B 109 -6.74 1.97 -14.94
C LEU B 109 -6.26 2.85 -13.80
N LEU B 110 -5.82 2.23 -12.71
CA LEU B 110 -5.36 2.96 -11.56
C LEU B 110 -3.99 3.56 -11.80
N LYS B 111 -3.13 2.92 -12.63
CA LYS B 111 -1.78 3.41 -12.92
C LYS B 111 -1.84 4.69 -13.71
N ALA B 112 -2.72 4.73 -14.73
CA ALA B 112 -2.89 5.91 -15.61
C ALA B 112 -3.81 6.99 -15.01
N GLY B 113 -4.73 6.60 -14.13
CA GLY B 113 -5.71 7.54 -13.59
C GLY B 113 -5.59 8.03 -12.16
N ALA B 114 -4.98 7.29 -11.24
CA ALA B 114 -4.89 7.70 -9.83
C ALA B 114 -4.35 9.14 -9.58
N MET B 115 -3.22 9.50 -10.18
CA MET B 115 -2.60 10.80 -9.98
C MET B 115 -3.50 11.93 -10.48
N GLU B 116 -4.22 11.68 -11.59
CA GLU B 116 -5.13 12.68 -12.11
C GLU B 116 -6.32 12.87 -11.13
N VAL B 117 -6.82 11.77 -10.55
CA VAL B 117 -7.92 11.79 -9.56
C VAL B 117 -7.53 12.54 -8.32
N VAL B 118 -6.29 12.37 -7.87
CA VAL B 118 -5.79 13.09 -6.68
C VAL B 118 -5.78 14.59 -6.97
N LEU B 119 -5.35 14.97 -8.18
CA LEU B 119 -5.31 16.36 -8.62
C LEU B 119 -6.69 16.98 -8.65
N VAL B 120 -7.70 16.25 -9.16
CA VAL B 120 -9.07 16.76 -9.15
C VAL B 120 -9.57 16.90 -7.69
N ARG B 121 -9.36 15.87 -6.87
CA ARG B 121 -9.75 15.84 -5.47
C ARG B 121 -9.17 17.01 -4.67
N MET B 122 -7.95 17.46 -5.00
CA MET B 122 -7.32 18.56 -4.27
C MET B 122 -8.13 19.84 -4.24
N CYS B 123 -8.98 20.09 -5.25
CA CYS B 123 -9.76 21.33 -5.30
C CYS B 123 -10.65 21.52 -4.06
N ARG B 124 -11.12 20.43 -3.40
CA ARG B 124 -11.94 20.60 -2.17
C ARG B 124 -11.09 21.18 -1.05
N ALA B 125 -9.79 20.80 -0.98
CA ALA B 125 -8.88 21.28 0.05
C ALA B 125 -8.25 22.64 -0.26
N TYR B 126 -8.63 23.26 -1.36
CA TYR B 126 -8.06 24.50 -1.81
C TYR B 126 -9.02 25.68 -1.56
N ASN B 127 -8.48 26.77 -1.04
CA ASN B 127 -9.28 27.96 -0.76
C ASN B 127 -8.90 29.06 -1.74
N ALA B 128 -9.77 29.30 -2.73
CA ALA B 128 -9.59 30.31 -3.75
C ALA B 128 -9.64 31.74 -3.20
N ASP B 129 -10.26 31.97 -2.02
CA ASP B 129 -10.35 33.30 -1.44
C ASP B 129 -8.95 33.86 -1.11
N ASN B 130 -7.99 32.99 -0.74
CA ASN B 130 -6.65 33.43 -0.41
C ASN B 130 -5.52 32.62 -1.05
N ARG B 131 -5.83 31.78 -2.09
CA ARG B 131 -4.89 30.91 -2.82
C ARG B 131 -4.03 30.00 -1.91
N THR B 132 -4.67 29.35 -0.94
CA THR B 132 -4.00 28.45 0.00
C THR B 132 -4.55 27.00 -0.09
N VAL B 133 -3.78 26.03 0.39
CA VAL B 133 -4.22 24.63 0.40
C VAL B 133 -4.05 24.04 1.80
N PHE B 134 -4.94 23.10 2.17
CA PHE B 134 -4.83 22.45 3.46
C PHE B 134 -3.68 21.46 3.41
N PHE B 135 -2.65 21.67 4.26
CA PHE B 135 -1.47 20.80 4.32
C PHE B 135 -1.09 20.58 5.77
N GLU B 136 -0.89 19.35 6.16
CA GLU B 136 -0.51 18.96 7.52
C GLU B 136 -1.24 19.70 8.68
N GLY B 137 -2.55 19.98 8.54
CA GLY B 137 -3.31 20.58 9.63
C GLY B 137 -3.70 22.04 9.53
N LYS B 138 -3.10 22.79 8.61
CA LYS B 138 -3.45 24.19 8.40
C LYS B 138 -3.36 24.57 6.92
N TYR B 139 -3.93 25.73 6.54
CA TYR B 139 -3.89 26.20 5.16
C TYR B 139 -2.62 27.00 4.90
N GLY B 140 -1.96 26.72 3.78
CA GLY B 140 -0.73 27.39 3.38
C GLY B 140 -0.66 27.63 1.88
N GLY B 141 -0.09 28.76 1.48
CA GLY B 141 0.07 29.11 0.08
C GLY B 141 1.11 28.25 -0.61
N MET B 142 1.35 28.50 -1.91
CA MET B 142 2.37 27.72 -2.62
C MET B 142 3.79 27.97 -2.09
N GLU B 143 4.00 29.09 -1.34
CA GLU B 143 5.26 29.45 -0.69
C GLU B 143 5.69 28.42 0.32
N LEU B 144 4.74 27.66 0.90
CA LEU B 144 4.99 26.60 1.89
C LEU B 144 5.91 25.50 1.32
N PHE B 145 5.86 25.27 -0.01
CA PHE B 145 6.58 24.19 -0.68
C PHE B 145 7.83 24.66 -1.42
N ARG B 146 8.36 25.81 -1.04
CA ARG B 146 9.53 26.42 -1.68
C ARG B 146 10.76 25.51 -1.67
N ALA B 147 10.95 24.76 -0.60
CA ALA B 147 12.10 23.87 -0.48
C ALA B 147 12.20 22.78 -1.56
N LEU B 148 11.05 22.33 -2.11
CA LEU B 148 11.10 21.30 -3.17
C LEU B 148 11.74 21.77 -4.47
N GLY B 149 11.69 23.08 -4.74
CA GLY B 149 12.23 23.64 -5.96
C GLY B 149 11.35 23.33 -7.16
N CYS B 150 10.03 23.14 -6.92
CA CYS B 150 9.00 22.82 -7.93
C CYS B 150 7.99 23.96 -8.04
N SER B 151 8.45 25.21 -8.02
CA SER B 151 7.54 26.35 -8.08
C SER B 151 6.64 26.40 -9.30
N GLU B 152 7.15 26.04 -10.48
CA GLU B 152 6.36 26.06 -11.71
C GLU B 152 5.26 24.98 -11.71
N LEU B 153 5.61 23.76 -11.30
CA LEU B 153 4.68 22.65 -11.20
C LEU B 153 3.64 22.93 -10.13
N ILE B 154 4.06 23.41 -8.95
CA ILE B 154 3.15 23.72 -7.87
C ILE B 154 2.23 24.89 -8.21
N SER B 155 2.71 25.87 -9.00
CA SER B 155 1.87 26.98 -9.48
C SER B 155 0.75 26.45 -10.37
N SER B 156 1.06 25.55 -11.31
CA SER B 156 0.07 24.95 -12.21
C SER B 156 -0.97 24.10 -11.46
N ILE B 157 -0.53 23.38 -10.41
CA ILE B 157 -1.40 22.57 -9.56
C ILE B 157 -2.41 23.49 -8.86
N PHE B 158 -1.91 24.59 -8.27
CA PHE B 158 -2.77 25.56 -7.59
C PHE B 158 -3.70 26.25 -8.61
N ASP B 159 -3.19 26.59 -9.80
CA ASP B 159 -4.01 27.22 -10.83
C ASP B 159 -5.08 26.28 -11.42
N PHE B 160 -4.85 24.96 -11.40
CA PHE B 160 -5.86 24.01 -11.85
C PHE B 160 -6.96 23.90 -10.77
N SER B 161 -6.54 23.80 -9.50
CA SER B 161 -7.45 23.76 -8.36
C SER B 161 -8.28 25.05 -8.27
N HIS B 162 -7.67 26.20 -8.63
CA HIS B 162 -8.33 27.50 -8.64
C HIS B 162 -9.44 27.56 -9.70
N SER B 163 -9.18 26.98 -10.90
CA SER B 163 -10.15 26.91 -11.98
C SER B 163 -11.30 25.92 -11.68
N LEU B 164 -11.07 24.92 -10.82
CA LEU B 164 -12.14 23.99 -10.42
C LEU B 164 -12.93 24.58 -9.25
N SER B 165 -12.26 25.33 -8.35
CA SER B 165 -12.95 25.93 -7.21
C SER B 165 -13.86 27.08 -7.65
N ALA B 166 -13.50 27.79 -8.72
CA ALA B 166 -14.29 28.88 -9.30
C ALA B 166 -15.68 28.36 -9.70
N LEU B 167 -15.72 27.16 -10.28
CA LEU B 167 -16.93 26.44 -10.72
C LEU B 167 -17.77 25.83 -9.59
N HIS B 168 -17.33 25.95 -8.34
CA HIS B 168 -17.98 25.39 -7.17
C HIS B 168 -18.28 23.89 -7.35
N PHE B 169 -17.27 23.10 -7.73
CA PHE B 169 -17.42 21.66 -7.98
C PHE B 169 -17.97 20.98 -6.73
N SER B 170 -19.19 20.40 -6.86
CA SER B 170 -19.82 19.79 -5.69
C SER B 170 -19.17 18.41 -5.41
N GLU B 171 -19.52 17.79 -4.26
CA GLU B 171 -18.98 16.49 -3.89
C GLU B 171 -19.39 15.45 -4.89
N ASP B 172 -20.65 15.47 -5.31
CA ASP B 172 -21.15 14.50 -6.28
C ASP B 172 -20.60 14.72 -7.68
N GLU B 173 -20.32 15.95 -8.02
CA GLU B 173 -19.72 16.32 -9.26
C GLU B 173 -18.30 15.74 -9.35
N ILE B 174 -17.49 15.88 -8.27
CA ILE B 174 -16.13 15.31 -8.14
C ILE B 174 -16.20 13.81 -8.21
N ALA B 175 -17.17 13.20 -7.51
CA ALA B 175 -17.37 11.76 -7.47
C ALA B 175 -17.57 11.18 -8.91
N LEU B 176 -18.51 11.72 -9.70
CA LEU B 176 -18.80 11.23 -11.03
C LEU B 176 -17.70 11.56 -12.01
N TYR B 177 -17.14 12.76 -11.90
CA TYR B 177 -16.08 13.24 -12.79
C TYR B 177 -14.81 12.40 -12.61
N THR B 178 -14.34 12.21 -11.36
CA THR B 178 -13.19 11.33 -11.10
C THR B 178 -13.47 9.85 -11.42
N ALA B 179 -14.75 9.38 -11.36
CA ALA B 179 -15.05 8.01 -11.80
C ALA B 179 -14.79 7.93 -13.33
N LEU B 180 -15.06 9.02 -14.10
CA LEU B 180 -14.76 9.05 -15.55
C LEU B 180 -13.27 9.21 -15.86
N VAL B 181 -12.52 9.85 -14.95
CA VAL B 181 -11.06 9.95 -15.10
C VAL B 181 -10.47 8.51 -15.03
N LEU B 182 -10.95 7.68 -14.06
CA LEU B 182 -10.48 6.31 -13.87
C LEU B 182 -11.02 5.29 -14.87
N ILE B 183 -12.32 5.38 -15.24
CA ILE B 183 -12.90 4.41 -16.16
C ILE B 183 -12.80 4.95 -17.57
N ASN B 184 -11.68 4.69 -18.21
CA ASN B 184 -11.39 5.20 -19.55
C ASN B 184 -10.85 4.06 -20.41
N ALA B 185 -11.57 3.72 -21.48
CA ALA B 185 -11.23 2.62 -22.39
C ALA B 185 -10.06 2.92 -23.35
N HIS B 186 -9.59 4.17 -23.39
CA HIS B 186 -8.47 4.57 -24.24
C HIS B 186 -7.10 4.27 -23.59
N ARG B 187 -7.07 3.70 -22.39
CA ARG B 187 -5.80 3.38 -21.74
C ARG B 187 -5.08 2.26 -22.50
N PRO B 188 -3.85 2.52 -22.95
CA PRO B 188 -3.10 1.50 -23.69
C PRO B 188 -2.52 0.40 -22.80
N GLY B 189 -3.13 -0.78 -22.85
CA GLY B 189 -2.75 -1.93 -22.05
C GLY B 189 -3.92 -2.79 -21.59
N LEU B 190 -5.14 -2.36 -21.90
CA LEU B 190 -6.37 -3.07 -21.52
C LEU B 190 -6.54 -4.41 -22.24
N GLN B 191 -6.83 -5.45 -21.48
CA GLN B 191 -7.04 -6.81 -21.98
C GLN B 191 -8.49 -7.02 -22.42
N GLU B 192 -9.44 -6.30 -21.78
CA GLU B 192 -10.86 -6.39 -22.05
C GLU B 192 -11.40 -4.98 -22.24
N LYS B 193 -10.87 -4.27 -23.25
CA LYS B 193 -11.25 -2.88 -23.52
C LYS B 193 -12.74 -2.66 -23.79
N ARG B 194 -13.49 -3.70 -24.19
CA ARG B 194 -14.92 -3.62 -24.46
C ARG B 194 -15.73 -3.54 -23.17
N LYS B 195 -15.28 -4.26 -22.11
CA LYS B 195 -15.98 -4.24 -20.81
C LYS B 195 -15.79 -2.87 -20.14
N VAL B 196 -14.57 -2.30 -20.25
CA VAL B 196 -14.23 -0.97 -19.77
C VAL B 196 -15.06 0.07 -20.53
N GLU B 197 -15.30 -0.13 -21.85
CA GLU B 197 -16.10 0.77 -22.70
C GLU B 197 -17.50 0.85 -22.15
N GLN B 198 -18.17 -0.32 -21.96
CA GLN B 198 -19.52 -0.50 -21.40
C GLN B 198 -19.66 0.29 -20.10
N LEU B 199 -18.63 0.21 -19.26
CA LEU B 199 -18.54 0.86 -17.96
C LEU B 199 -18.42 2.36 -18.11
N GLN B 200 -17.54 2.83 -19.00
CA GLN B 200 -17.36 4.23 -19.33
C GLN B 200 -18.67 4.88 -19.83
N TYR B 201 -19.42 4.22 -20.74
CA TYR B 201 -20.67 4.78 -21.30
C TYR B 201 -21.75 4.92 -20.27
N ASN B 202 -21.85 3.92 -19.40
CA ASN B 202 -22.80 3.91 -18.31
C ASN B 202 -22.50 5.06 -17.35
N LEU B 203 -21.22 5.30 -17.05
CA LEU B 203 -20.82 6.44 -16.22
C LEU B 203 -21.06 7.82 -16.86
N GLU B 204 -20.79 7.95 -18.18
CA GLU B 204 -20.92 9.21 -18.93
C GLU B 204 -22.36 9.63 -18.99
N LEU B 205 -23.29 8.69 -19.17
CA LEU B 205 -24.71 9.00 -19.13
C LEU B 205 -25.14 9.33 -17.69
N ALA B 206 -24.66 8.58 -16.65
CA ALA B 206 -24.95 8.89 -15.23
C ALA B 206 -24.48 10.31 -14.88
N PHE B 207 -23.29 10.72 -15.33
CA PHE B 207 -22.78 12.08 -15.09
C PHE B 207 -23.66 13.16 -15.82
N HIS B 208 -23.95 12.96 -17.15
CA HIS B 208 -24.78 13.88 -17.90
C HIS B 208 -26.21 13.95 -17.37
N HIS B 209 -26.77 12.83 -16.90
CA HIS B 209 -28.09 12.77 -16.29
C HIS B 209 -28.11 13.51 -14.94
N HIS B 210 -27.10 13.32 -14.07
CA HIS B 210 -27.05 14.02 -12.79
C HIS B 210 -26.83 15.54 -12.93
N LEU B 211 -26.16 15.98 -14.01
CA LEU B 211 -26.02 17.41 -14.26
C LEU B 211 -27.39 18.00 -14.62
N CYS B 212 -28.20 17.25 -15.38
CA CYS B 212 -29.55 17.67 -15.76
C CYS B 212 -30.46 17.72 -14.55
N LYS B 213 -30.46 16.69 -13.70
CA LYS B 213 -31.27 16.66 -12.47
C LYS B 213 -30.95 17.84 -11.51
N THR B 214 -29.73 18.36 -11.56
CA THR B 214 -29.28 19.44 -10.67
C THR B 214 -29.12 20.80 -11.37
N HIS B 215 -29.53 20.90 -12.63
CA HIS B 215 -29.48 22.13 -13.44
C HIS B 215 -28.10 22.71 -13.54
N ARG B 216 -27.10 21.82 -13.64
CA ARG B 216 -25.69 22.15 -13.72
C ARG B 216 -25.06 21.87 -15.07
N GLN B 217 -25.87 21.70 -16.14
CA GLN B 217 -25.40 21.44 -17.52
C GLN B 217 -24.26 22.39 -17.97
N SER B 218 -24.26 23.62 -17.43
CA SER B 218 -23.29 24.69 -17.69
C SER B 218 -21.84 24.31 -17.44
N ILE B 219 -21.53 23.51 -16.41
CA ILE B 219 -20.15 23.17 -16.07
C ILE B 219 -19.40 22.34 -17.12
N LEU B 220 -20.09 21.67 -18.07
CA LEU B 220 -19.40 20.81 -19.05
C LEU B 220 -18.39 21.59 -19.90
N ALA B 221 -18.84 22.66 -20.53
CA ALA B 221 -18.00 23.53 -21.34
C ALA B 221 -16.99 24.34 -20.51
N LYS B 222 -17.24 24.48 -19.20
CA LYS B 222 -16.40 25.24 -18.27
C LYS B 222 -15.30 24.38 -17.60
N LEU B 223 -15.41 23.05 -17.67
CA LEU B 223 -14.42 22.11 -17.14
C LEU B 223 -13.08 22.25 -17.90
N PRO B 224 -11.95 21.85 -17.27
CA PRO B 224 -10.65 21.89 -17.96
C PRO B 224 -10.57 20.92 -19.14
N PRO B 225 -9.82 21.30 -20.20
CA PRO B 225 -9.72 20.45 -21.41
C PRO B 225 -9.27 19.03 -21.22
N LYS B 226 -9.62 18.16 -22.23
CA LYS B 226 -9.37 16.72 -22.37
C LYS B 226 -7.89 16.36 -22.63
N GLY B 227 -7.01 16.98 -21.87
CA GLY B 227 -5.57 16.82 -21.95
C GLY B 227 -4.83 17.72 -21.00
N LYS B 228 -5.52 18.73 -20.43
CA LYS B 228 -4.95 19.67 -19.47
C LYS B 228 -4.53 18.91 -18.21
N LEU B 229 -5.41 18.02 -17.72
CA LEU B 229 -5.19 17.21 -16.54
C LEU B 229 -4.12 16.15 -16.78
N ARG B 230 -4.06 15.55 -17.99
CA ARG B 230 -3.03 14.54 -18.28
C ARG B 230 -1.65 15.19 -18.50
N SER B 231 -1.61 16.43 -19.01
CA SER B 231 -0.34 17.14 -19.23
C SER B 231 0.22 17.61 -17.87
N LEU B 232 -0.66 18.02 -16.94
CA LEU B 232 -0.29 18.45 -15.60
C LEU B 232 0.19 17.22 -14.82
N CYS B 233 -0.56 16.10 -14.94
CA CYS B 233 -0.25 14.82 -14.31
C CYS B 233 1.08 14.29 -14.81
N SER B 234 1.32 14.35 -16.14
CA SER B 234 2.57 13.85 -16.71
C SER B 234 3.78 14.59 -16.14
N GLN B 235 3.69 15.92 -16.01
CA GLN B 235 4.76 16.74 -15.44
C GLN B 235 5.02 16.33 -13.99
N HIS B 236 3.95 16.12 -13.22
CA HIS B 236 4.03 15.71 -11.82
C HIS B 236 4.71 14.34 -11.69
N VAL B 237 4.37 13.38 -12.57
CA VAL B 237 4.95 12.03 -12.58
C VAL B 237 6.47 12.08 -12.84
N GLU B 238 6.90 13.02 -13.71
CA GLU B 238 8.30 13.28 -14.04
C GLU B 238 9.07 13.77 -12.80
N ARG B 239 8.45 14.70 -12.03
CA ARG B 239 9.02 15.25 -10.80
C ARG B 239 9.23 14.18 -9.70
N LEU B 240 8.42 13.12 -9.73
CA LEU B 240 8.49 12.02 -8.77
C LEU B 240 9.83 11.26 -8.76
N GLN B 241 10.79 11.61 -9.64
CA GLN B 241 12.09 10.95 -9.63
C GLN B 241 13.13 11.59 -8.67
N ILE B 242 12.72 12.04 -7.47
CA ILE B 242 13.66 12.63 -6.50
C ILE B 242 14.31 11.54 -5.64
#